data_3MAK
#
_entry.id   3MAK
#
_cell.length_a   71.352
_cell.length_b   63.137
_cell.length_c   54.240
_cell.angle_alpha   90.00
_cell.angle_beta   129.55
_cell.angle_gamma   90.00
#
_symmetry.space_group_name_H-M   'C 1 2 1'
#
loop_
_entity.id
_entity.type
_entity.pdbx_description
1 polymer 'Glutathione S-transferase 1-1'
2 non-polymer GLUTATHIONE
3 water water
#
_entity_poly.entity_id   1
_entity_poly.type   'polypeptide(L)'
_entity_poly.pdbx_seq_one_letter_code
;MVDFYYLPGSSPCRSVIMTAKAVGVELNKKLLNLQAGEHLKPEFLKINPQHTIPTLVDNGFALWESRAIQVYLVEKYGKT
DSLYPKCPKKRAVINQRLYFDMGTLYQSFANYYYPQVFAKAPADPEAFKKIEAAFEFLNTFLEGQDYAAGDSLTVADIAL
VATVSTFEVAKFEISKYANVNRWYENAKKVTPGWEENWAGCLEFKKYFE
;
_entity_poly.pdbx_strand_id   A
#
# COMPACT_ATOMS: atom_id res chain seq x y z
N VAL A 2 -6.81 19.28 0.55
CA VAL A 2 -6.99 17.80 0.70
C VAL A 2 -6.33 17.32 2.00
N ASP A 3 -7.16 16.94 2.95
CA ASP A 3 -6.69 16.48 4.25
C ASP A 3 -6.42 15.00 4.20
N PHE A 4 -5.32 14.59 4.84
CA PHE A 4 -4.86 13.21 4.80
C PHE A 4 -4.52 12.77 6.22
N TYR A 5 -5.37 11.93 6.79
CA TYR A 5 -5.17 11.41 8.16
C TYR A 5 -4.38 10.11 8.05
N TYR A 6 -3.25 10.02 8.72
CA TYR A 6 -2.30 8.94 8.44
C TYR A 6 -1.28 8.74 9.55
N LEU A 7 -0.49 7.69 9.41
CA LEU A 7 0.75 7.51 10.16
C LEU A 7 1.76 7.03 9.14
N PRO A 8 3.02 7.51 9.23
CA PRO A 8 4.02 7.17 8.21
C PRO A 8 4.33 5.69 8.11
N GLY A 9 4.19 4.96 9.22
CA GLY A 9 4.51 3.52 9.24
C GLY A 9 3.53 2.63 8.52
N SER A 10 2.31 3.12 8.32
CA SER A 10 1.22 2.36 7.78
C SER A 10 1.39 2.16 6.28
N SER A 11 1.43 0.88 5.88
CA SER A 11 1.54 0.51 4.48
C SER A 11 0.44 1.15 3.61
N PRO A 12 -0.85 1.03 4.01
CA PRO A 12 -1.87 1.65 3.17
C PRO A 12 -1.72 3.18 3.11
N CYS A 13 -1.26 3.79 4.20
CA CYS A 13 -0.97 5.24 4.17
C CYS A 13 0.16 5.56 3.21
N ARG A 14 1.20 4.72 3.18
CA ARG A 14 2.33 4.98 2.29
C ARG A 14 1.97 4.83 0.81
N SER A 15 1.05 3.92 0.48
CA SER A 15 0.60 3.81 -0.91
C SER A 15 -0.03 5.13 -1.36
N VAL A 16 -0.80 5.76 -0.47
CA VAL A 16 -1.44 7.03 -0.81
C VAL A 16 -0.42 8.16 -0.94
N ILE A 17 0.52 8.21 -0.01
CA ILE A 17 1.60 9.22 -0.11
C ILE A 17 2.30 9.15 -1.47
N MET A 18 2.71 7.95 -1.89
CA MET A 18 3.42 7.76 -3.15
C MET A 18 2.52 8.13 -4.33
N THR A 19 1.26 7.72 -4.28
CA THR A 19 0.30 8.06 -5.35
C THR A 19 0.07 9.55 -5.48
N ALA A 20 -0.14 10.24 -4.36
CA ALA A 20 -0.35 11.68 -4.35
C ALA A 20 0.88 12.40 -4.94
N LYS A 21 2.06 11.90 -4.60
CA LYS A 21 3.29 12.49 -5.14
C LYS A 21 3.39 12.26 -6.65
N ALA A 22 3.01 11.06 -7.09
CA ALA A 22 3.04 10.72 -8.53
C ALA A 22 2.05 11.58 -9.30
N VAL A 23 0.89 11.84 -8.69
CA VAL A 23 -0.13 12.66 -9.31
C VAL A 23 0.21 14.16 -9.23
N GLY A 24 0.96 14.55 -8.20
CA GLY A 24 1.30 15.95 -7.96
C GLY A 24 0.27 16.70 -7.13
N VAL A 25 -0.47 15.97 -6.29
CA VAL A 25 -1.49 16.61 -5.47
C VAL A 25 -0.95 16.78 -4.06
N GLU A 26 -1.02 18.01 -3.58
CA GLU A 26 -0.54 18.38 -2.26
C GLU A 26 -1.49 17.83 -1.21
N LEU A 27 -0.94 17.11 -0.23
CA LEU A 27 -1.73 16.63 0.89
C LEU A 27 -1.47 17.44 2.13
N ASN A 28 -2.54 17.80 2.84
CA ASN A 28 -2.40 18.36 4.17
C ASN A 28 -2.30 17.18 5.12
N LYS A 29 -1.07 16.86 5.51
CA LYS A 29 -0.79 15.64 6.28
C LYS A 29 -1.12 15.85 7.74
N LYS A 30 -2.04 15.03 8.23
CA LYS A 30 -2.55 15.16 9.57
C LYS A 30 -2.28 13.85 10.28
N LEU A 31 -1.28 13.85 11.15
CA LEU A 31 -0.96 12.64 11.90
C LEU A 31 -2.12 12.30 12.78
N LEU A 32 -2.52 11.04 12.76
CA LEU A 32 -3.62 10.58 13.58
C LEU A 32 -3.03 9.50 14.46
N ASN A 33 -2.81 9.85 15.72
CA ASN A 33 -2.13 8.94 16.65
C ASN A 33 -3.03 7.82 17.14
N LEU A 34 -2.92 6.66 16.50
CA LEU A 34 -3.75 5.50 16.85
C LEU A 34 -3.40 5.00 18.26
N GLN A 35 -2.12 5.03 18.62
CA GLN A 35 -1.73 4.61 19.97
C GLN A 35 -2.36 5.46 21.08
N ALA A 36 -2.74 6.68 20.73
CA ALA A 36 -3.44 7.61 21.63
C ALA A 36 -4.97 7.44 21.58
N GLY A 37 -5.46 6.73 20.56
CA GLY A 37 -6.89 6.55 20.36
C GLY A 37 -7.55 7.74 19.69
N GLU A 38 -6.76 8.51 18.93
CA GLU A 38 -7.29 9.72 18.30
C GLU A 38 -8.33 9.40 17.23
N HIS A 39 -8.14 8.26 16.56
CA HIS A 39 -9.09 7.73 15.56
C HIS A 39 -10.44 7.30 16.15
N LEU A 40 -10.46 7.08 17.46
CA LEU A 40 -11.66 6.56 18.15
C LEU A 40 -12.49 7.63 18.82
N LYS A 41 -11.97 8.86 18.81
CA LYS A 41 -12.68 10.01 19.37
C LYS A 41 -13.89 10.36 18.51
N PRO A 42 -14.98 10.86 19.13
CA PRO A 42 -16.19 11.25 18.40
C PRO A 42 -15.93 12.10 17.17
N GLU A 43 -14.96 13.02 17.25
CA GLU A 43 -14.68 13.95 16.16
C GLU A 43 -14.17 13.22 14.92
N PHE A 44 -13.35 12.20 15.11
CA PHE A 44 -12.90 11.44 13.96
C PHE A 44 -13.96 10.46 13.43
N LEU A 45 -14.69 9.81 14.35
CA LEU A 45 -15.76 8.90 13.94
C LEU A 45 -16.82 9.55 13.03
N LYS A 46 -17.02 10.86 13.20
CA LYS A 46 -17.92 11.60 12.31
C LYS A 46 -17.39 11.68 10.88
N ILE A 47 -16.07 11.59 10.73
CA ILE A 47 -15.44 11.62 9.40
C ILE A 47 -15.35 10.21 8.81
N ASN A 48 -14.82 9.30 9.62
CA ASN A 48 -14.71 7.92 9.22
C ASN A 48 -15.18 7.02 10.37
N PRO A 49 -16.44 6.52 10.28
CA PRO A 49 -16.98 5.68 11.35
C PRO A 49 -16.27 4.37 11.52
N GLN A 50 -15.51 3.95 10.50
CA GLN A 50 -14.72 2.72 10.64
C GLN A 50 -13.36 2.99 11.33
N HIS A 51 -13.08 4.25 11.61
CA HIS A 51 -11.85 4.65 12.31
C HIS A 51 -10.56 3.98 11.82
N THR A 52 -10.29 4.13 10.52
CA THR A 52 -9.09 3.57 9.94
C THR A 52 -8.27 4.67 9.27
N ILE A 53 -6.97 4.41 9.16
CA ILE A 53 -6.09 5.24 8.34
C ILE A 53 -5.59 4.38 7.18
N PRO A 54 -5.40 4.97 5.99
CA PRO A 54 -5.58 6.38 5.69
C PRO A 54 -7.03 6.82 5.52
N THR A 55 -7.30 8.08 5.87
CA THR A 55 -8.58 8.70 5.55
C THR A 55 -8.26 10.02 4.83
N LEU A 56 -8.99 10.26 3.74
CA LEU A 56 -8.84 11.50 2.97
C LEU A 56 -10.12 12.32 3.17
N VAL A 57 -9.98 13.64 3.28
CA VAL A 57 -11.16 14.52 3.25
C VAL A 57 -10.84 15.54 2.17
N ASP A 58 -11.61 15.51 1.10
CA ASP A 58 -11.35 16.34 -0.05
C ASP A 58 -12.61 17.16 -0.32
N ASN A 59 -12.58 18.43 0.07
CA ASN A 59 -13.70 19.31 -0.21
C ASN A 59 -15.06 18.74 0.19
N GLY A 60 -15.12 18.28 1.44
CA GLY A 60 -16.33 17.78 2.05
C GLY A 60 -16.50 16.28 1.89
N PHE A 61 -15.69 15.68 1.01
CA PHE A 61 -15.83 14.25 0.72
C PHE A 61 -14.85 13.43 1.57
N ALA A 62 -15.38 12.65 2.52
CA ALA A 62 -14.57 11.75 3.36
C ALA A 62 -14.47 10.38 2.70
N LEU A 63 -13.24 9.87 2.55
CA LEU A 63 -13.00 8.63 1.84
C LEU A 63 -11.94 7.85 2.58
N TRP A 64 -12.16 6.56 2.77
CA TRP A 64 -11.10 5.71 3.29
C TRP A 64 -10.95 4.47 2.40
N GLU A 65 -10.07 3.54 2.82
CA GLU A 65 -9.57 2.44 1.99
C GLU A 65 -8.52 2.98 1.04
N SER A 66 -7.26 2.68 1.37
CA SER A 66 -6.11 3.22 0.62
C SER A 66 -6.26 3.07 -0.90
N ARG A 67 -6.75 1.91 -1.33
CA ARG A 67 -6.75 1.61 -2.77
C ARG A 67 -7.86 2.40 -3.49
N ALA A 68 -8.92 2.71 -2.75
CA ALA A 68 -9.97 3.59 -3.28
C ALA A 68 -9.42 5.02 -3.37
N ILE A 69 -8.69 5.43 -2.34
CA ILE A 69 -8.08 6.75 -2.33
C ILE A 69 -7.07 6.89 -3.48
N GLN A 70 -6.25 5.87 -3.71
CA GLN A 70 -5.28 5.93 -4.83
C GLN A 70 -5.96 6.21 -6.16
N VAL A 71 -7.01 5.44 -6.44
CA VAL A 71 -7.73 5.58 -7.71
C VAL A 71 -8.40 6.95 -7.79
N TYR A 72 -9.04 7.37 -6.70
CA TYR A 72 -9.71 8.66 -6.68
C TYR A 72 -8.73 9.81 -6.97
N LEU A 73 -7.57 9.77 -6.34
CA LEU A 73 -6.56 10.83 -6.58
C LEU A 73 -6.14 10.89 -8.06
N VAL A 74 -5.95 9.74 -8.68
CA VAL A 74 -5.60 9.72 -10.12
C VAL A 74 -6.76 10.23 -10.97
N GLU A 75 -7.96 9.70 -10.72
CA GLU A 75 -9.14 10.14 -11.49
C GLU A 75 -9.40 11.65 -11.37
N LYS A 76 -9.29 12.19 -10.16
CA LYS A 76 -9.57 13.61 -9.94
C LYS A 76 -8.39 14.52 -10.26
N TYR A 77 -7.16 14.12 -9.91
CA TYR A 77 -6.03 15.05 -10.00
C TYR A 77 -5.02 14.78 -11.11
N GLY A 78 -5.03 13.56 -11.65
CA GLY A 78 -4.04 13.15 -12.65
C GLY A 78 -4.14 14.02 -13.89
N LYS A 79 -3.01 14.60 -14.28
CA LYS A 79 -2.94 15.37 -15.54
C LYS A 79 -3.18 14.49 -16.76
N THR A 80 -2.76 13.23 -16.63
CA THR A 80 -3.00 12.18 -17.60
C THR A 80 -3.55 11.00 -16.81
N ASP A 81 -4.05 10.00 -17.52
CA ASP A 81 -4.59 8.80 -16.88
C ASP A 81 -3.58 7.65 -16.84
N SER A 82 -2.30 7.97 -17.04
CA SER A 82 -1.28 6.92 -17.16
C SER A 82 -1.30 5.93 -15.97
N LEU A 83 -1.50 6.47 -14.77
CA LEU A 83 -1.52 5.63 -13.54
C LEU A 83 -2.79 4.81 -13.40
N TYR A 84 -3.84 5.17 -14.14
CA TYR A 84 -5.14 4.48 -14.10
C TYR A 84 -5.90 4.77 -15.39
N PRO A 85 -5.53 4.07 -16.47
CA PRO A 85 -6.04 4.38 -17.81
C PRO A 85 -7.54 4.29 -17.95
N LYS A 86 -8.10 5.03 -18.90
CA LYS A 86 -9.53 5.08 -19.12
C LYS A 86 -10.14 3.75 -19.58
N CYS A 87 -9.34 2.95 -20.27
CA CYS A 87 -9.79 1.68 -20.85
C CYS A 87 -10.27 0.67 -19.79
N PRO A 88 -11.53 0.20 -19.90
CA PRO A 88 -12.06 -0.75 -18.92
C PRO A 88 -11.22 -2.00 -18.79
N LYS A 89 -10.61 -2.45 -19.89
CA LYS A 89 -9.76 -3.63 -19.84
C LYS A 89 -8.51 -3.32 -19.03
N LYS A 90 -7.87 -2.19 -19.33
CA LYS A 90 -6.65 -1.84 -18.60
C LYS A 90 -6.95 -1.62 -17.12
N ARG A 91 -8.07 -0.96 -16.84
CA ARG A 91 -8.54 -0.73 -15.47
C ARG A 91 -8.78 -2.04 -14.73
N ALA A 92 -9.34 -3.02 -15.43
CA ALA A 92 -9.70 -4.31 -14.80
C ALA A 92 -8.46 -5.07 -14.31
N VAL A 93 -7.41 -5.05 -15.14
CA VAL A 93 -6.14 -5.65 -14.73
C VAL A 93 -5.60 -4.94 -13.47
N ILE A 94 -5.59 -3.61 -13.50
CA ILE A 94 -5.17 -2.85 -12.35
C ILE A 94 -6.05 -3.20 -11.15
N ASN A 95 -7.37 -3.20 -11.35
CA ASN A 95 -8.29 -3.53 -10.25
C ASN A 95 -8.00 -4.93 -9.67
N GLN A 96 -7.83 -5.94 -10.54
CA GLN A 96 -7.47 -7.27 -10.08
C GLN A 96 -6.19 -7.22 -9.24
N ARG A 97 -5.15 -6.52 -9.71
CA ARG A 97 -3.90 -6.42 -8.92
C ARG A 97 -4.10 -5.72 -7.57
N LEU A 98 -4.96 -4.72 -7.54
CA LEU A 98 -5.29 -4.05 -6.26
C LEU A 98 -6.00 -4.98 -5.29
N TYR A 99 -6.94 -5.77 -5.78
CA TYR A 99 -7.59 -6.80 -4.94
C TYR A 99 -6.60 -7.90 -4.55
N PHE A 100 -5.70 -8.27 -5.45
CA PHE A 100 -4.63 -9.18 -5.08
C PHE A 100 -3.80 -8.59 -3.93
N ASP A 101 -3.44 -7.31 -4.06
CA ASP A 101 -2.61 -6.66 -3.06
C ASP A 101 -3.31 -6.69 -1.69
N MET A 102 -4.59 -6.36 -1.66
CA MET A 102 -5.32 -6.41 -0.40
C MET A 102 -5.54 -7.84 0.10
N GLY A 103 -6.13 -8.70 -0.74
CA GLY A 103 -6.76 -9.91 -0.23
C GLY A 103 -5.84 -11.12 -0.23
N THR A 104 -4.74 -11.00 -0.96
CA THR A 104 -3.77 -12.10 -1.05
C THR A 104 -2.43 -11.72 -0.47
N LEU A 105 -1.78 -10.72 -1.07
CA LEU A 105 -0.43 -10.34 -0.61
C LEU A 105 -0.40 -9.66 0.75
N TYR A 106 -1.09 -8.53 0.89
CA TYR A 106 -1.08 -7.88 2.21
C TYR A 106 -1.82 -8.74 3.21
N GLN A 107 -2.88 -9.40 2.80
CA GLN A 107 -3.54 -10.30 3.75
C GLN A 107 -2.56 -11.33 4.32
N SER A 108 -1.66 -11.86 3.50
CA SER A 108 -0.68 -12.83 4.03
C SER A 108 0.26 -12.18 5.03
N PHE A 109 0.63 -10.92 4.79
CA PHE A 109 1.42 -10.18 5.76
C PHE A 109 0.69 -10.10 7.10
N ALA A 110 -0.54 -9.60 7.05
CA ALA A 110 -1.34 -9.41 8.24
C ALA A 110 -1.55 -10.73 9.00
N ASN A 111 -1.90 -11.80 8.28
CA ASN A 111 -2.20 -13.10 8.93
C ASN A 111 -1.01 -13.67 9.70
N TYR A 112 0.18 -13.45 9.16
CA TYR A 112 1.41 -13.95 9.76
C TYR A 112 2.06 -13.02 10.79
N TYR A 113 2.18 -11.74 10.47
CA TYR A 113 2.93 -10.82 11.31
C TYR A 113 2.08 -10.13 12.39
N TYR A 114 0.83 -9.82 12.07
CA TYR A 114 -0.02 -9.12 13.03
C TYR A 114 -0.16 -9.82 14.38
N PRO A 115 -0.40 -11.15 14.40
CA PRO A 115 -0.57 -11.76 15.74
C PRO A 115 0.73 -11.67 16.54
N GLN A 116 1.86 -11.73 15.86
CA GLN A 116 3.17 -11.58 16.49
C GLN A 116 3.40 -10.16 16.98
N VAL A 117 3.28 -9.18 16.09
CA VAL A 117 3.61 -7.81 16.50
C VAL A 117 2.54 -7.14 17.35
N PHE A 118 1.28 -7.53 17.19
CA PHE A 118 0.19 -6.88 17.95
C PHE A 118 -0.32 -7.67 19.16
N ALA A 119 -0.25 -9.00 19.07
CA ALA A 119 -0.78 -9.87 20.13
C ALA A 119 0.34 -10.60 20.87
N LYS A 120 1.57 -10.42 20.38
CA LYS A 120 2.77 -11.06 20.93
C LYS A 120 2.67 -12.58 20.90
N ALA A 121 1.98 -13.10 19.88
CA ALA A 121 1.80 -14.54 19.67
C ALA A 121 2.99 -15.18 18.96
N PRO A 122 3.23 -16.49 19.19
CA PRO A 122 4.23 -17.26 18.43
C PRO A 122 3.91 -17.29 16.94
N ALA A 123 4.92 -17.13 16.11
CA ALA A 123 4.77 -17.24 14.66
C ALA A 123 4.12 -18.56 14.26
N ASP A 124 3.24 -18.49 13.28
CA ASP A 124 2.58 -19.67 12.71
C ASP A 124 3.25 -20.05 11.39
N PRO A 125 4.06 -21.13 11.39
CA PRO A 125 4.77 -21.50 10.15
C PRO A 125 3.84 -21.79 8.99
N GLU A 126 2.60 -22.18 9.28
CA GLU A 126 1.63 -22.39 8.21
C GLU A 126 1.18 -21.10 7.53
N ALA A 127 1.02 -20.03 8.31
CA ALA A 127 0.70 -18.73 7.74
C ALA A 127 1.88 -18.20 6.92
N PHE A 128 3.10 -18.58 7.32
CA PHE A 128 4.27 -18.19 6.55
C PHE A 128 4.19 -18.78 5.16
N LYS A 129 3.66 -20.00 5.04
CA LYS A 129 3.57 -20.66 3.74
C LYS A 129 2.67 -19.87 2.79
N LYS A 130 1.66 -19.23 3.36
CA LYS A 130 0.75 -18.38 2.59
C LYS A 130 1.44 -17.14 2.01
N ILE A 131 2.41 -16.60 2.74
CA ILE A 131 3.21 -15.47 2.22
C ILE A 131 3.99 -15.96 1.01
N GLU A 132 4.62 -17.11 1.16
CA GLU A 132 5.42 -17.67 0.08
C GLU A 132 4.55 -17.89 -1.16
N ALA A 133 3.34 -18.43 -0.95
CA ALA A 133 2.37 -18.65 -2.03
C ALA A 133 2.00 -17.36 -2.74
N ALA A 134 1.74 -16.31 -1.96
CA ALA A 134 1.42 -14.99 -2.53
C ALA A 134 2.56 -14.42 -3.36
N PHE A 135 3.79 -14.59 -2.87
CA PHE A 135 4.95 -14.09 -3.62
C PHE A 135 5.16 -14.89 -4.87
N GLU A 136 4.83 -16.18 -4.80
CA GLU A 136 4.97 -17.04 -5.98
C GLU A 136 3.98 -16.59 -7.06
N PHE A 137 2.75 -16.26 -6.66
CA PHE A 137 1.77 -15.72 -7.63
C PHE A 137 2.26 -14.40 -8.24
N LEU A 138 2.70 -13.47 -7.39
CA LEU A 138 3.22 -12.18 -7.90
C LEU A 138 4.38 -12.40 -8.85
N ASN A 139 5.24 -13.34 -8.52
CA ASN A 139 6.37 -13.65 -9.38
C ASN A 139 5.93 -14.10 -10.77
N THR A 140 4.91 -14.95 -10.81
CA THR A 140 4.33 -15.43 -12.07
C THR A 140 3.67 -14.27 -12.84
N PHE A 141 2.93 -13.42 -12.13
CA PHE A 141 2.29 -12.25 -12.78
C PHE A 141 3.35 -11.41 -13.49
N LEU A 142 4.52 -11.30 -12.87
CA LEU A 142 5.59 -10.43 -13.34
C LEU A 142 6.53 -11.03 -14.41
N GLU A 143 6.25 -12.27 -14.80
CA GLU A 143 7.07 -12.94 -15.81
C GLU A 143 6.98 -12.16 -17.12
N GLY A 144 8.12 -11.70 -17.61
CA GLY A 144 8.18 -10.94 -18.87
C GLY A 144 7.61 -9.53 -18.81
N GLN A 145 7.34 -9.04 -17.60
CA GLN A 145 6.67 -7.75 -17.41
C GLN A 145 7.52 -6.83 -16.55
N ASP A 146 7.67 -5.59 -16.98
CA ASP A 146 8.40 -4.61 -16.19
C ASP A 146 7.56 -4.01 -15.07
N TYR A 147 6.23 -3.94 -15.28
CA TYR A 147 5.30 -3.42 -14.27
C TYR A 147 4.19 -4.40 -14.01
N ALA A 148 3.45 -4.21 -12.93
CA ALA A 148 2.56 -5.26 -12.42
C ALA A 148 1.26 -5.42 -13.18
N ALA A 149 0.84 -4.37 -13.88
CA ALA A 149 -0.54 -4.32 -14.42
C ALA A 149 -0.63 -3.41 -15.65
N GLY A 150 0.29 -3.61 -16.58
CA GLY A 150 0.31 -2.85 -17.82
C GLY A 150 1.72 -2.50 -18.25
N ASP A 151 1.81 -1.72 -19.32
CA ASP A 151 3.10 -1.35 -19.91
C ASP A 151 3.87 -0.32 -19.11
N SER A 152 3.18 0.42 -18.25
CA SER A 152 3.85 1.41 -17.44
C SER A 152 3.39 1.37 -16.00
N LEU A 153 3.97 2.24 -15.19
CA LEU A 153 3.69 2.30 -13.75
C LEU A 153 2.23 2.68 -13.54
N THR A 154 1.56 1.95 -12.67
CA THR A 154 0.16 2.24 -12.38
C THR A 154 -0.03 2.25 -10.88
N VAL A 155 -1.23 2.61 -10.43
CA VAL A 155 -1.54 2.54 -9.00
C VAL A 155 -1.36 1.13 -8.46
N ALA A 156 -1.48 0.12 -9.32
CA ALA A 156 -1.21 -1.26 -8.87
C ALA A 156 0.23 -1.44 -8.40
N ASP A 157 1.19 -0.94 -9.16
CA ASP A 157 2.59 -1.01 -8.73
C ASP A 157 2.79 -0.27 -7.44
N ILE A 158 2.18 0.89 -7.32
CA ILE A 158 2.41 1.72 -6.13
C ILE A 158 1.88 1.02 -4.89
N ALA A 159 0.67 0.48 -5.00
CA ALA A 159 0.12 -0.32 -3.90
C ALA A 159 1.05 -1.49 -3.52
N LEU A 160 1.52 -2.25 -4.52
CA LEU A 160 2.36 -3.40 -4.29
C LEU A 160 3.71 -2.99 -3.71
N VAL A 161 4.21 -1.81 -4.10
CA VAL A 161 5.47 -1.31 -3.55
C VAL A 161 5.35 -1.08 -2.06
N ALA A 162 4.22 -0.51 -1.64
CA ALA A 162 3.96 -0.27 -0.23
C ALA A 162 3.99 -1.61 0.51
N THR A 163 3.25 -2.58 -0.02
CA THR A 163 3.18 -3.91 0.60
C THR A 163 4.54 -4.63 0.62
N VAL A 164 5.19 -4.70 -0.54
CA VAL A 164 6.45 -5.47 -0.62
C VAL A 164 7.55 -4.82 0.23
N SER A 165 7.56 -3.48 0.30
CA SER A 165 8.56 -2.80 1.15
C SER A 165 8.29 -3.09 2.62
N THR A 166 7.02 -3.29 2.99
CA THR A 166 6.70 -3.71 4.35
C THR A 166 7.27 -5.12 4.61
N PHE A 167 7.13 -6.02 3.63
CA PHE A 167 7.77 -7.32 3.73
C PHE A 167 9.30 -7.22 3.83
N GLU A 168 9.89 -6.28 3.10
CA GLU A 168 11.36 -6.11 3.17
C GLU A 168 11.81 -5.76 4.60
N VAL A 169 11.14 -4.80 5.21
CA VAL A 169 11.53 -4.38 6.55
C VAL A 169 11.24 -5.48 7.60
N ALA A 170 10.26 -6.34 7.31
CA ALA A 170 9.99 -7.56 8.10
C ALA A 170 11.02 -8.67 7.86
N LYS A 171 12.00 -8.40 7.00
CA LYS A 171 13.12 -9.31 6.72
C LYS A 171 12.72 -10.52 5.88
N PHE A 172 11.62 -10.40 5.13
CA PHE A 172 11.24 -11.47 4.22
C PHE A 172 12.20 -11.53 3.01
N GLU A 173 12.58 -12.76 2.62
CA GLU A 173 13.53 -13.05 1.53
C GLU A 173 12.94 -12.78 0.14
N ILE A 174 12.79 -11.51 -0.21
CA ILE A 174 12.21 -11.15 -1.50
C ILE A 174 13.05 -11.64 -2.70
N SER A 175 14.38 -11.63 -2.55
CA SER A 175 15.31 -12.01 -3.61
C SER A 175 15.08 -13.43 -4.16
N LYS A 176 14.43 -14.30 -3.38
CA LYS A 176 14.10 -15.67 -3.80
C LYS A 176 13.11 -15.70 -4.97
N TYR A 177 12.41 -14.59 -5.17
CA TYR A 177 11.42 -14.50 -6.25
C TYR A 177 11.99 -13.53 -7.26
N ALA A 178 12.63 -14.09 -8.29
CA ALA A 178 13.49 -13.27 -9.16
C ALA A 178 12.75 -12.16 -9.87
N ASN A 179 11.56 -12.46 -10.37
CA ASN A 179 10.75 -11.45 -11.05
C ASN A 179 10.28 -10.38 -10.07
N VAL A 180 9.83 -10.79 -8.89
CA VAL A 180 9.44 -9.81 -7.86
C VAL A 180 10.63 -8.91 -7.51
N ASN A 181 11.78 -9.52 -7.27
CA ASN A 181 12.97 -8.75 -6.91
C ASN A 181 13.34 -7.72 -8.01
N ARG A 182 13.34 -8.16 -9.27
CA ARG A 182 13.64 -7.26 -10.39
C ARG A 182 12.66 -6.09 -10.45
N TRP A 183 11.36 -6.45 -10.41
CA TRP A 183 10.29 -5.45 -10.44
C TRP A 183 10.41 -4.46 -9.29
N TYR A 184 10.65 -4.98 -8.10
CA TYR A 184 10.72 -4.19 -6.88
C TYR A 184 11.88 -3.20 -6.91
N GLU A 185 13.07 -3.69 -7.26
CA GLU A 185 14.23 -2.80 -7.38
C GLU A 185 14.05 -1.70 -8.43
N ASN A 186 13.43 -2.02 -9.58
CA ASN A 186 13.10 -0.98 -10.54
C ASN A 186 12.08 0.00 -9.96
N ALA A 187 11.06 -0.55 -9.30
CA ALA A 187 10.01 0.29 -8.73
C ALA A 187 10.56 1.33 -7.76
N LYS A 188 11.56 0.96 -6.95
CA LYS A 188 12.20 1.92 -6.01
C LYS A 188 12.77 3.14 -6.73
N LYS A 189 13.32 2.89 -7.92
CA LYS A 189 13.96 3.94 -8.72
C LYS A 189 13.00 4.85 -9.44
N VAL A 190 11.80 4.36 -9.76
CA VAL A 190 10.90 5.12 -10.60
C VAL A 190 9.66 5.64 -9.87
N THR A 191 9.35 5.06 -8.72
CA THR A 191 8.11 5.41 -8.03
C THR A 191 8.27 6.70 -7.23
N PRO A 192 7.49 7.74 -7.59
CA PRO A 192 7.53 8.99 -6.80
C PRO A 192 7.19 8.74 -5.33
N GLY A 193 7.96 9.37 -4.44
CA GLY A 193 7.74 9.22 -3.00
C GLY A 193 8.38 8.01 -2.35
N TRP A 194 9.16 7.24 -3.08
CA TRP A 194 9.81 6.05 -2.53
C TRP A 194 10.58 6.32 -1.22
N GLU A 195 11.31 7.43 -1.16
CA GLU A 195 12.13 7.68 0.03
C GLU A 195 11.28 7.88 1.29
N GLU A 196 10.18 8.60 1.16
CA GLU A 196 9.23 8.77 2.27
C GLU A 196 8.55 7.45 2.67
N ASN A 197 8.23 6.64 1.67
CA ASN A 197 7.76 5.29 1.94
C ASN A 197 8.77 4.47 2.76
N TRP A 198 10.04 4.53 2.37
CA TRP A 198 11.06 3.78 3.10
C TRP A 198 11.27 4.32 4.52
N ALA A 199 11.20 5.64 4.68
CA ALA A 199 11.21 6.23 6.02
C ALA A 199 10.08 5.61 6.86
N GLY A 200 8.89 5.48 6.26
CA GLY A 200 7.76 4.87 6.97
C GLY A 200 7.94 3.41 7.31
N CYS A 201 8.52 2.65 6.37
CA CYS A 201 8.88 1.26 6.61
C CYS A 201 9.80 1.14 7.82
N LEU A 202 10.80 1.99 7.90
CA LEU A 202 11.75 1.96 9.02
C LEU A 202 11.10 2.35 10.36
N GLU A 203 10.08 3.20 10.29
CA GLU A 203 9.25 3.51 11.45
C GLU A 203 8.49 2.25 11.91
N PHE A 204 7.89 1.54 10.96
CA PHE A 204 7.09 0.34 11.26
C PHE A 204 7.97 -0.80 11.84
N LYS A 205 9.24 -0.81 11.43
CA LYS A 205 10.24 -1.77 11.91
C LYS A 205 10.32 -1.82 13.44
N LYS A 206 10.02 -0.70 14.08
CA LYS A 206 9.99 -0.58 15.54
C LYS A 206 9.10 -1.62 16.21
N TYR A 207 8.03 -2.03 15.52
CA TYR A 207 7.15 -3.10 16.00
C TYR A 207 7.82 -4.48 16.08
N PHE A 208 8.98 -4.61 15.41
CA PHE A 208 9.75 -5.85 15.39
C PHE A 208 10.93 -5.86 16.39
N GLU A 209 11.09 -4.76 17.15
CA GLU A 209 12.20 -4.66 18.12
C GLU A 209 12.00 -5.61 19.29
#